data_4G2H
#
_entry.id   4G2H
#
_cell.length_a   66.438
_cell.length_b   66.438
_cell.length_c   265.761
_cell.angle_alpha   90.00
_cell.angle_beta   90.00
_cell.angle_gamma   120.00
#
_symmetry.space_group_name_H-M   'P 65 2 2'
#
loop_
_entity.id
_entity.type
_entity.pdbx_description
1 polymer 'Vitamin D3 receptor A'
2 polymer 'Nuclear receptor coactivator 1'
3 non-polymer (3E,5E)-6-(3-{2-[3,4-bis(hydroxymethyl)phenyl]ethyl}phenyl)-1,1,1-trifluoro-2-(trifluoromethyl)octa-3,5-dien-2-ol
4 water water
#
loop_
_entity_poly.entity_id
_entity_poly.type
_entity_poly.pdbx_seq_one_letter_code
_entity_poly.pdbx_strand_id
1 'polypeptide(L)'
;HMLSDEQMQIINSLVEAHHKTYDDSYSDFVRFRPPVREGPVTRSASRAASLHSLSDASSDSFNHSPESVDTKLNFSNLLM
MYQDSGSPDSSEEDQQSRLSMLPHLADLVSYSIQKVIGFAKMIPGFRDLTAEDQIALLKSSAIEIIMLRSNQSFSLEDMS
WSCGGPDFKYCINDVTKAGHTLELLEPLVKFQVGLKKLKLHEEEHVLLMAICLLSPDRPGVQDHVRIEALQDRLCDVLQA
YIRIQHPGGRLLYAKMIQKLADLRSLNEEHSKQYRSLSFQPEHSMQLTPLVLEVFGSEVS
;
A
2 'polypeptide(L)' RHKILHRLLQEGSPS B
#
# COMPACT_ATOMS: atom_id res chain seq x y z
N HIS A 1 6.21 25.32 -16.93
CA HIS A 1 7.29 26.01 -16.16
C HIS A 1 8.36 24.98 -15.76
N MET A 2 8.70 24.91 -14.48
CA MET A 2 9.68 23.95 -13.98
C MET A 2 9.67 23.85 -12.45
N LEU A 3 9.91 22.65 -11.94
CA LEU A 3 9.91 22.37 -10.51
C LEU A 3 10.84 23.26 -9.70
N SER A 4 10.48 23.49 -8.44
CA SER A 4 11.27 24.31 -7.53
C SER A 4 12.20 23.42 -6.73
N ASP A 5 13.14 24.02 -6.03
CA ASP A 5 14.10 23.25 -5.24
C ASP A 5 13.43 22.55 -4.07
N GLU A 6 12.24 23.01 -3.68
CA GLU A 6 11.54 22.39 -2.57
C GLU A 6 10.80 21.14 -3.05
N GLN A 7 10.04 21.29 -4.13
CA GLN A 7 9.28 20.18 -4.69
C GLN A 7 10.24 19.06 -5.08
N MET A 8 11.41 19.45 -5.58
CA MET A 8 12.41 18.50 -6.00
C MET A 8 13.00 17.73 -4.82
N GLN A 9 13.18 18.39 -3.69
CA GLN A 9 13.73 17.71 -2.51
C GLN A 9 12.73 16.70 -1.97
N ILE A 10 11.44 16.99 -2.14
CA ILE A 10 10.38 16.09 -1.69
C ILE A 10 10.49 14.79 -2.51
N ILE A 11 10.69 14.94 -3.82
CA ILE A 11 10.82 13.81 -4.71
C ILE A 11 12.05 12.96 -4.39
N ASN A 12 13.17 13.60 -4.07
CA ASN A 12 14.38 12.85 -3.76
C ASN A 12 14.17 12.03 -2.50
N SER A 13 13.48 12.60 -1.51
CA SER A 13 13.20 11.92 -0.25
C SER A 13 12.30 10.70 -0.40
N LEU A 14 11.20 10.86 -1.12
CA LEU A 14 10.23 9.78 -1.33
C LEU A 14 10.84 8.62 -2.13
N VAL A 15 11.56 8.96 -3.20
CA VAL A 15 12.19 7.94 -4.04
C VAL A 15 13.27 7.19 -3.28
N GLU A 16 13.97 7.89 -2.38
CA GLU A 16 15.02 7.23 -1.61
C GLU A 16 14.38 6.35 -0.54
N ALA A 17 13.28 6.84 0.04
CA ALA A 17 12.56 6.10 1.08
C ALA A 17 12.01 4.81 0.49
N HIS A 18 11.51 4.88 -0.74
CA HIS A 18 10.98 3.70 -1.40
C HIS A 18 12.09 2.70 -1.63
N HIS A 19 13.17 3.14 -2.28
CA HIS A 19 14.30 2.27 -2.56
C HIS A 19 14.77 1.55 -1.31
N LYS A 20 14.74 2.27 -0.20
CA LYS A 20 15.16 1.74 1.09
C LYS A 20 14.16 0.77 1.75
N THR A 21 12.92 0.76 1.27
CA THR A 21 11.91 -0.13 1.84
C THR A 21 11.29 -1.10 0.84
N TYR A 22 11.88 -1.21 -0.36
CA TYR A 22 11.37 -2.13 -1.36
C TYR A 22 12.49 -2.88 -2.08
N ASP A 23 12.66 -4.15 -1.75
CA ASP A 23 13.68 -5.00 -2.36
C ASP A 23 13.20 -5.64 -3.65
N ASP A 24 13.87 -5.32 -4.75
CA ASP A 24 13.50 -5.85 -6.07
C ASP A 24 13.89 -7.30 -6.28
N SER A 25 14.61 -7.88 -5.32
CA SER A 25 15.02 -9.28 -5.42
C SER A 25 14.08 -10.17 -4.61
N TYR A 26 13.32 -9.57 -3.70
CA TYR A 26 12.39 -10.30 -2.84
C TYR A 26 13.12 -11.43 -2.15
N SER A 27 14.27 -11.11 -1.58
CA SER A 27 15.09 -12.11 -0.91
C SER A 27 14.65 -12.49 0.50
N ASP A 28 13.83 -11.65 1.12
CA ASP A 28 13.35 -11.92 2.47
C ASP A 28 12.18 -12.89 2.49
N PHE A 29 11.58 -13.12 1.31
CA PHE A 29 10.43 -14.01 1.21
C PHE A 29 10.71 -15.45 1.69
N VAL A 30 11.98 -15.84 1.73
CA VAL A 30 12.31 -17.18 2.19
C VAL A 30 12.12 -17.30 3.70
N ARG A 31 12.05 -16.17 4.38
CA ARG A 31 11.87 -16.20 5.82
C ARG A 31 10.40 -16.31 6.25
N PHE A 32 9.48 -16.16 5.29
CA PHE A 32 8.05 -16.26 5.54
C PHE A 32 7.69 -17.73 5.69
N ARG A 33 6.58 -18.03 6.35
CA ARG A 33 6.17 -19.42 6.47
C ARG A 33 5.95 -19.84 5.03
N PRO A 34 6.51 -21.00 4.62
CA PRO A 34 6.36 -21.48 3.25
C PRO A 34 4.94 -21.56 2.71
N PRO A 35 4.76 -21.22 1.42
CA PRO A 35 3.44 -21.24 0.76
C PRO A 35 3.04 -22.68 0.49
N VAL A 36 1.73 -22.91 0.33
CA VAL A 36 1.22 -24.24 0.08
C VAL A 36 0.04 -24.21 -0.89
N ARG A 37 0.26 -24.72 -2.10
CA ARG A 37 -0.80 -24.76 -3.10
C ARG A 37 -1.52 -26.09 -3.04
N ARG A 98 -8.01 -25.96 4.20
CA ARG A 98 -8.80 -24.78 4.51
C ARG A 98 -7.89 -23.54 4.59
N LEU A 99 -7.70 -22.88 3.47
CA LEU A 99 -6.85 -21.68 3.42
C LEU A 99 -5.41 -22.04 3.73
N SER A 100 -4.81 -22.85 2.86
CA SER A 100 -3.44 -23.31 3.04
C SER A 100 -2.40 -22.23 2.73
N MET A 101 -2.82 -21.21 2.01
CA MET A 101 -1.93 -20.10 1.65
C MET A 101 -1.96 -19.00 2.69
N LEU A 102 -2.89 -19.07 3.64
CA LEU A 102 -3.03 -18.04 4.67
C LEU A 102 -1.75 -17.73 5.45
N PRO A 103 -1.05 -18.76 5.95
CA PRO A 103 0.18 -18.54 6.72
C PRO A 103 1.25 -17.73 5.99
N HIS A 104 1.47 -18.05 4.72
CA HIS A 104 2.46 -17.36 3.91
C HIS A 104 2.00 -15.95 3.56
N LEU A 105 0.74 -15.84 3.17
CA LEU A 105 0.16 -14.56 2.77
C LEU A 105 0.10 -13.58 3.94
N ALA A 106 -0.11 -14.10 5.14
CA ALA A 106 -0.17 -13.28 6.34
C ALA A 106 1.22 -12.74 6.63
N ASP A 107 2.25 -13.59 6.48
CA ASP A 107 3.63 -13.17 6.73
C ASP A 107 4.08 -12.12 5.70
N LEU A 108 3.69 -12.32 4.45
CA LEU A 108 4.04 -11.40 3.37
C LEU A 108 3.43 -10.03 3.62
N VAL A 109 2.17 -10.01 4.04
CA VAL A 109 1.48 -8.76 4.32
C VAL A 109 2.03 -8.10 5.58
N SER A 110 2.38 -8.90 6.58
CA SER A 110 2.91 -8.38 7.83
C SER A 110 4.25 -7.70 7.56
N TYR A 111 5.03 -8.34 6.68
CA TYR A 111 6.33 -7.83 6.26
C TYR A 111 6.13 -6.49 5.59
N SER A 112 5.17 -6.44 4.66
CA SER A 112 4.84 -5.24 3.93
C SER A 112 4.40 -4.10 4.84
N ILE A 113 3.64 -4.40 5.88
CA ILE A 113 3.19 -3.36 6.80
C ILE A 113 4.43 -2.66 7.35
N GLN A 114 5.41 -3.45 7.77
CA GLN A 114 6.63 -2.89 8.33
C GLN A 114 7.32 -1.95 7.34
N LYS A 115 7.31 -2.35 6.06
CA LYS A 115 7.92 -1.54 5.02
C LYS A 115 7.12 -0.27 4.75
N VAL A 116 5.79 -0.38 4.77
CA VAL A 116 4.96 0.78 4.53
C VAL A 116 5.18 1.81 5.63
N ILE A 117 5.38 1.32 6.85
CA ILE A 117 5.63 2.16 8.02
C ILE A 117 6.97 2.90 7.84
N GLY A 118 8.02 2.16 7.51
CA GLY A 118 9.32 2.77 7.31
C GLY A 118 9.29 3.81 6.20
N PHE A 119 8.47 3.55 5.19
CA PHE A 119 8.33 4.48 4.07
C PHE A 119 7.58 5.72 4.53
N ALA A 120 6.51 5.50 5.28
CA ALA A 120 5.66 6.57 5.77
C ALA A 120 6.42 7.55 6.66
N LYS A 121 7.23 7.01 7.57
CA LYS A 121 8.00 7.83 8.49
C LYS A 121 8.93 8.78 7.74
N MET A 122 9.14 8.50 6.45
CA MET A 122 10.02 9.32 5.63
C MET A 122 9.27 10.26 4.70
N ILE A 123 7.95 10.22 4.74
CA ILE A 123 7.14 11.12 3.93
C ILE A 123 7.25 12.49 4.61
N PRO A 124 7.67 13.52 3.86
CA PRO A 124 7.80 14.86 4.46
C PRO A 124 6.55 15.40 5.16
N GLY A 125 6.65 15.61 6.47
CA GLY A 125 5.53 16.13 7.24
C GLY A 125 4.79 15.11 8.08
N PHE A 126 4.81 13.85 7.64
CA PHE A 126 4.14 12.76 8.34
C PHE A 126 4.60 12.55 9.78
N ARG A 127 5.91 12.56 10.00
CA ARG A 127 6.45 12.32 11.32
C ARG A 127 6.16 13.42 12.35
N ASP A 128 5.67 14.58 11.89
CA ASP A 128 5.35 15.68 12.80
C ASP A 128 3.94 15.53 13.33
N LEU A 129 3.15 14.69 12.68
CA LEU A 129 1.77 14.46 13.09
C LEU A 129 1.78 13.77 14.46
N THR A 130 0.60 13.70 15.08
CA THR A 130 0.48 13.06 16.37
C THR A 130 0.51 11.55 16.19
N ALA A 131 1.06 10.84 17.19
CA ALA A 131 1.14 9.38 17.12
C ALA A 131 -0.20 8.81 16.71
N GLU A 132 -1.27 9.39 17.24
CA GLU A 132 -2.62 8.92 16.94
C GLU A 132 -3.03 9.08 15.49
N ASP A 133 -2.70 10.21 14.87
CA ASP A 133 -3.05 10.43 13.47
C ASP A 133 -2.23 9.51 12.59
N GLN A 134 -0.97 9.31 12.96
CA GLN A 134 -0.11 8.42 12.20
C GLN A 134 -0.75 7.02 12.24
N ILE A 135 -1.12 6.56 13.44
CA ILE A 135 -1.76 5.26 13.59
C ILE A 135 -3.02 5.23 12.71
N ALA A 136 -3.86 6.26 12.85
CA ALA A 136 -5.12 6.37 12.11
C ALA A 136 -4.95 6.33 10.60
N LEU A 137 -3.89 6.98 10.10
CA LEU A 137 -3.62 7.00 8.67
C LEU A 137 -3.08 5.66 8.19
N LEU A 138 -2.19 5.05 8.97
CA LEU A 138 -1.64 3.75 8.60
C LEU A 138 -2.74 2.69 8.60
N LYS A 139 -3.47 2.58 9.71
CA LYS A 139 -4.53 1.59 9.81
C LYS A 139 -5.54 1.59 8.66
N SER A 140 -5.96 2.77 8.21
CA SER A 140 -6.93 2.84 7.14
C SER A 140 -6.40 2.79 5.70
N SER A 141 -5.13 3.12 5.50
CA SER A 141 -4.56 3.10 4.15
C SER A 141 -3.62 1.93 3.92
N ALA A 142 -3.24 1.25 5.00
CA ALA A 142 -2.32 0.12 4.92
C ALA A 142 -2.56 -0.79 3.73
N ILE A 143 -3.73 -1.40 3.67
CA ILE A 143 -4.07 -2.31 2.59
C ILE A 143 -4.01 -1.66 1.21
N GLU A 144 -4.31 -0.36 1.13
CA GLU A 144 -4.28 0.33 -0.15
C GLU A 144 -2.82 0.56 -0.58
N ILE A 145 -1.95 0.86 0.38
CA ILE A 145 -0.56 1.09 0.06
C ILE A 145 0.10 -0.22 -0.37
N ILE A 146 -0.34 -1.32 0.21
CA ILE A 146 0.19 -2.63 -0.14
C ILE A 146 -0.22 -2.98 -1.57
N MET A 147 -1.46 -2.66 -1.92
CA MET A 147 -1.97 -2.93 -3.27
C MET A 147 -1.24 -2.13 -4.32
N LEU A 148 -0.84 -0.90 -3.97
CA LEU A 148 -0.12 -0.03 -4.90
C LEU A 148 1.32 -0.49 -5.12
N ARG A 149 2.06 -0.68 -4.02
CA ARG A 149 3.46 -1.10 -4.13
C ARG A 149 3.62 -2.49 -4.72
N SER A 150 2.59 -3.33 -4.55
CA SER A 150 2.63 -4.69 -5.07
C SER A 150 2.56 -4.68 -6.59
N ASN A 151 2.12 -3.56 -7.15
CA ASN A 151 2.00 -3.43 -8.60
C ASN A 151 3.36 -3.52 -9.27
N GLN A 152 4.40 -3.23 -8.51
CA GLN A 152 5.76 -3.27 -9.02
C GLN A 152 6.18 -4.69 -9.37
N SER A 153 5.48 -5.68 -8.82
CA SER A 153 5.80 -7.06 -9.08
C SER A 153 4.74 -7.72 -9.96
N PHE A 154 3.67 -6.99 -10.24
CA PHE A 154 2.61 -7.53 -11.06
C PHE A 154 3.04 -7.63 -12.53
N SER A 155 2.63 -8.72 -13.17
CA SER A 155 2.98 -8.98 -14.56
C SER A 155 1.73 -9.05 -15.43
N LEU A 156 1.68 -8.23 -16.48
CA LEU A 156 0.53 -8.22 -17.38
C LEU A 156 0.44 -9.49 -18.22
N GLU A 157 1.53 -10.24 -18.28
CA GLU A 157 1.55 -11.48 -19.05
C GLU A 157 0.75 -12.56 -18.32
N ASP A 158 1.33 -13.09 -17.25
CA ASP A 158 0.69 -14.14 -16.47
C ASP A 158 -0.35 -13.65 -15.48
N MET A 159 -0.69 -12.36 -15.54
CA MET A 159 -1.68 -11.77 -14.63
C MET A 159 -1.41 -12.21 -13.20
N SER A 160 -0.15 -12.07 -12.76
CA SER A 160 0.21 -12.48 -11.42
C SER A 160 1.38 -11.69 -10.85
N TRP A 161 1.55 -11.80 -9.53
CA TRP A 161 2.63 -11.13 -8.83
C TRP A 161 3.82 -12.06 -8.81
N SER A 162 4.87 -11.71 -9.54
CA SER A 162 6.08 -12.54 -9.62
C SER A 162 7.18 -12.02 -8.71
N CYS A 163 7.36 -12.65 -7.55
CA CYS A 163 8.37 -12.22 -6.61
C CYS A 163 9.53 -13.19 -6.47
N GLY A 164 9.56 -14.18 -7.37
CA GLY A 164 10.62 -15.17 -7.35
C GLY A 164 10.23 -16.40 -8.13
N GLY A 165 10.90 -17.52 -7.86
CA GLY A 165 10.59 -18.75 -8.57
C GLY A 165 9.11 -19.11 -8.54
N PRO A 166 8.72 -20.26 -9.09
CA PRO A 166 7.32 -20.72 -9.14
C PRO A 166 6.63 -20.63 -7.77
N ASP A 167 7.43 -20.72 -6.70
CA ASP A 167 6.93 -20.65 -5.33
C ASP A 167 6.42 -19.25 -4.99
N PHE A 168 7.25 -18.25 -5.22
CA PHE A 168 6.89 -16.87 -4.93
C PHE A 168 6.25 -16.14 -6.09
N LYS A 169 5.48 -16.87 -6.88
CA LYS A 169 4.77 -16.30 -8.01
C LYS A 169 3.30 -16.47 -7.66
N TYR A 170 2.70 -15.41 -7.12
CA TYR A 170 1.33 -15.46 -6.67
C TYR A 170 0.26 -15.24 -7.72
N CYS A 171 -0.56 -16.27 -7.88
CA CYS A 171 -1.65 -16.29 -8.83
C CYS A 171 -2.96 -15.95 -8.12
N ILE A 172 -3.95 -15.52 -8.88
CA ILE A 172 -5.26 -15.16 -8.35
C ILE A 172 -5.80 -16.27 -7.45
N ASN A 173 -5.54 -17.51 -7.87
CA ASN A 173 -5.98 -18.70 -7.16
C ASN A 173 -5.36 -18.82 -5.76
N ASP A 174 -4.07 -18.49 -5.66
CA ASP A 174 -3.37 -18.57 -4.39
C ASP A 174 -3.98 -17.67 -3.31
N VAL A 175 -4.32 -16.44 -3.68
CA VAL A 175 -4.91 -15.49 -2.74
C VAL A 175 -6.24 -16.03 -2.24
N THR A 176 -6.93 -16.80 -3.08
CA THR A 176 -8.21 -17.38 -2.71
C THR A 176 -7.98 -18.37 -1.56
N LYS A 177 -6.86 -19.07 -1.61
CA LYS A 177 -6.51 -20.04 -0.57
C LYS A 177 -6.02 -19.33 0.68
N ALA A 178 -6.29 -18.04 0.78
CA ALA A 178 -5.91 -17.25 1.94
C ALA A 178 -7.19 -16.78 2.60
N GLY A 179 -8.33 -17.11 2.00
CA GLY A 179 -9.61 -16.73 2.57
C GLY A 179 -10.32 -15.58 1.90
N HIS A 180 -9.92 -15.25 0.67
CA HIS A 180 -10.54 -14.17 -0.07
C HIS A 180 -11.34 -14.68 -1.27
N THR A 181 -12.25 -13.86 -1.79
CA THR A 181 -13.09 -14.27 -2.91
C THR A 181 -12.91 -13.41 -4.16
N LEU A 182 -13.46 -13.88 -5.29
CA LEU A 182 -13.38 -13.18 -6.57
C LEU A 182 -14.00 -11.79 -6.51
N GLU A 183 -14.91 -11.60 -5.57
CA GLU A 183 -15.59 -10.32 -5.42
C GLU A 183 -14.59 -9.22 -5.07
N LEU A 184 -13.39 -9.62 -4.66
CA LEU A 184 -12.34 -8.68 -4.32
C LEU A 184 -11.18 -8.83 -5.29
N LEU A 185 -10.75 -10.07 -5.49
CA LEU A 185 -9.63 -10.37 -6.38
C LEU A 185 -9.87 -9.94 -7.82
N GLU A 186 -11.13 -9.85 -8.22
CA GLU A 186 -11.46 -9.45 -9.58
C GLU A 186 -11.16 -7.96 -9.77
N PRO A 187 -11.78 -7.09 -8.95
CA PRO A 187 -11.51 -5.67 -9.10
C PRO A 187 -10.03 -5.38 -8.84
N LEU A 188 -9.42 -6.22 -8.01
CA LEU A 188 -8.01 -6.05 -7.67
C LEU A 188 -7.14 -6.23 -8.90
N VAL A 189 -7.23 -7.39 -9.54
CA VAL A 189 -6.43 -7.65 -10.73
C VAL A 189 -6.73 -6.61 -11.79
N LYS A 190 -8.00 -6.26 -11.92
CA LYS A 190 -8.42 -5.27 -12.90
C LYS A 190 -7.77 -3.93 -12.59
N PHE A 191 -7.54 -3.68 -11.30
CA PHE A 191 -6.90 -2.45 -10.85
C PHE A 191 -5.41 -2.52 -11.19
N GLN A 192 -4.79 -3.66 -10.89
CA GLN A 192 -3.37 -3.85 -11.16
C GLN A 192 -3.08 -3.62 -12.64
N VAL A 193 -3.85 -4.28 -13.50
CA VAL A 193 -3.68 -4.15 -14.94
C VAL A 193 -3.81 -2.70 -15.39
N GLY A 194 -4.91 -2.05 -15.00
CA GLY A 194 -5.10 -0.66 -15.37
C GLY A 194 -3.98 0.24 -14.88
N LEU A 195 -3.55 0.02 -13.64
CA LEU A 195 -2.48 0.81 -13.05
C LEU A 195 -1.15 0.59 -13.78
N LYS A 196 -0.88 -0.68 -14.12
CA LYS A 196 0.34 -1.04 -14.83
C LYS A 196 0.41 -0.31 -16.17
N LYS A 197 -0.73 -0.25 -16.86
CA LYS A 197 -0.82 0.40 -18.16
C LYS A 197 -0.52 1.90 -18.15
N LEU A 198 -0.31 2.47 -16.97
CA LEU A 198 -0.02 3.90 -16.91
C LEU A 198 1.47 4.16 -16.97
N LYS A 199 2.26 3.08 -17.01
CA LYS A 199 3.72 3.18 -17.06
C LYS A 199 4.24 4.34 -16.23
N LEU A 200 3.75 4.47 -15.00
CA LEU A 200 4.16 5.55 -14.11
C LEU A 200 5.67 5.60 -13.95
N HIS A 201 6.20 6.80 -13.76
CA HIS A 201 7.63 6.93 -13.53
C HIS A 201 7.78 6.56 -12.07
N GLU A 202 8.99 6.24 -11.65
CA GLU A 202 9.21 5.87 -10.27
C GLU A 202 8.78 7.03 -9.38
N GLU A 203 9.04 8.25 -9.84
CA GLU A 203 8.71 9.46 -9.09
C GLU A 203 7.22 9.67 -8.90
N GLU A 204 6.41 9.24 -9.86
CA GLU A 204 4.96 9.39 -9.78
C GLU A 204 4.35 8.27 -8.93
N HIS A 205 4.91 7.08 -9.06
CA HIS A 205 4.45 5.91 -8.31
C HIS A 205 4.64 6.11 -6.81
N VAL A 206 5.79 6.65 -6.44
CA VAL A 206 6.09 6.89 -5.04
C VAL A 206 5.23 8.03 -4.49
N LEU A 207 4.92 9.00 -5.36
CA LEU A 207 4.09 10.14 -4.97
C LEU A 207 2.66 9.70 -4.76
N LEU A 208 2.20 8.76 -5.58
CA LEU A 208 0.85 8.24 -5.46
C LEU A 208 0.66 7.56 -4.10
N MET A 209 1.69 6.87 -3.64
CA MET A 209 1.60 6.19 -2.36
C MET A 209 1.63 7.20 -1.20
N ALA A 210 2.39 8.27 -1.36
CA ALA A 210 2.47 9.28 -0.30
C ALA A 210 1.19 10.10 -0.22
N ILE A 211 0.46 10.17 -1.33
CA ILE A 211 -0.79 10.91 -1.39
C ILE A 211 -1.93 10.07 -0.83
N CYS A 212 -1.92 8.79 -1.17
CA CYS A 212 -2.94 7.85 -0.72
C CYS A 212 -2.90 7.74 0.79
N LEU A 213 -1.68 7.73 1.33
CA LEU A 213 -1.46 7.61 2.76
C LEU A 213 -1.82 8.86 3.53
N LEU A 214 -1.70 10.01 2.88
CA LEU A 214 -2.02 11.28 3.52
C LEU A 214 -3.44 11.74 3.23
N SER A 215 -4.32 10.79 2.94
CA SER A 215 -5.71 11.12 2.67
C SER A 215 -6.35 11.49 4.00
N PRO A 216 -6.78 12.75 4.17
CA PRO A 216 -7.40 13.22 5.41
C PRO A 216 -8.80 12.64 5.64
N ASP A 217 -9.38 12.05 4.59
CA ASP A 217 -10.71 11.45 4.65
C ASP A 217 -10.65 10.03 5.21
N ARG A 218 -10.03 9.87 6.37
CA ARG A 218 -9.90 8.56 6.99
C ARG A 218 -10.54 8.52 8.37
N PRO A 219 -11.29 7.45 8.68
CA PRO A 219 -11.93 7.37 9.99
C PRO A 219 -10.87 7.33 11.09
N GLY A 220 -11.02 8.22 12.08
CA GLY A 220 -10.06 8.25 13.18
C GLY A 220 -9.12 9.43 13.16
N VAL A 221 -9.08 10.17 12.05
CA VAL A 221 -8.19 11.32 11.93
C VAL A 221 -8.70 12.52 12.76
N GLN A 222 -7.77 13.22 13.39
CA GLN A 222 -8.10 14.39 14.21
C GLN A 222 -7.80 15.68 13.45
N ASP A 223 -6.52 16.03 13.35
CA ASP A 223 -6.09 17.23 12.65
C ASP A 223 -6.29 17.04 11.14
N HIS A 224 -7.52 16.76 10.74
CA HIS A 224 -7.82 16.54 9.33
C HIS A 224 -7.70 17.81 8.50
N VAL A 225 -7.00 18.79 9.04
CA VAL A 225 -6.78 20.05 8.33
C VAL A 225 -5.31 20.15 7.94
N ARG A 226 -4.43 19.63 8.79
CA ARG A 226 -3.00 19.65 8.49
C ARG A 226 -2.69 18.53 7.50
N ILE A 227 -3.37 17.40 7.68
CA ILE A 227 -3.20 16.24 6.81
C ILE A 227 -3.63 16.66 5.40
N GLU A 228 -4.75 17.36 5.34
CA GLU A 228 -5.29 17.85 4.07
C GLU A 228 -4.25 18.73 3.37
N ALA A 229 -3.51 19.51 4.16
CA ALA A 229 -2.49 20.40 3.63
C ALA A 229 -1.32 19.62 3.05
N LEU A 230 -0.80 18.67 3.84
CA LEU A 230 0.33 17.85 3.42
C LEU A 230 0.02 17.14 2.12
N GLN A 231 -1.16 16.53 2.02
CA GLN A 231 -1.55 15.83 0.81
C GLN A 231 -1.57 16.77 -0.40
N ASP A 232 -2.07 17.99 -0.20
CA ASP A 232 -2.14 18.97 -1.29
C ASP A 232 -0.76 19.35 -1.80
N ARG A 233 0.17 19.55 -0.86
CA ARG A 233 1.54 19.90 -1.21
C ARG A 233 2.07 18.79 -2.11
N LEU A 234 1.77 17.54 -1.77
CA LEU A 234 2.20 16.39 -2.55
C LEU A 234 1.45 16.36 -3.89
N CYS A 235 0.14 16.59 -3.84
CA CYS A 235 -0.67 16.59 -5.07
C CYS A 235 -0.14 17.62 -6.07
N ASP A 236 0.43 18.70 -5.54
CA ASP A 236 0.98 19.77 -6.37
C ASP A 236 2.19 19.26 -7.13
N VAL A 237 3.12 18.65 -6.39
CA VAL A 237 4.34 18.11 -6.98
C VAL A 237 4.01 17.09 -8.07
N LEU A 238 3.09 16.18 -7.79
CA LEU A 238 2.73 15.17 -8.78
C LEU A 238 2.22 15.81 -10.07
N GLN A 239 1.36 16.82 -9.94
CA GLN A 239 0.81 17.49 -11.12
C GLN A 239 1.90 18.25 -11.89
N ALA A 240 2.78 18.91 -11.14
CA ALA A 240 3.86 19.66 -11.76
C ALA A 240 4.81 18.72 -12.50
N TYR A 241 5.22 17.66 -11.82
CA TYR A 241 6.13 16.68 -12.42
C TYR A 241 5.58 16.09 -13.71
N ILE A 242 4.31 15.71 -13.71
CA ILE A 242 3.69 15.14 -14.91
C ILE A 242 3.72 16.13 -16.08
N ARG A 243 3.48 17.40 -15.76
CA ARG A 243 3.47 18.44 -16.77
C ARG A 243 4.88 18.74 -17.30
N ILE A 244 5.82 18.94 -16.39
CA ILE A 244 7.20 19.25 -16.76
C ILE A 244 8.05 18.07 -17.23
N GLN A 245 7.90 16.91 -16.57
CA GLN A 245 8.74 15.75 -16.89
C GLN A 245 8.13 14.52 -17.56
N HIS A 246 6.84 14.54 -17.90
CA HIS A 246 6.26 13.34 -18.52
C HIS A 246 5.48 13.57 -19.81
N PRO A 247 6.19 13.53 -20.95
CA PRO A 247 5.61 13.72 -22.28
C PRO A 247 4.43 12.79 -22.57
N GLY A 248 3.27 13.38 -22.84
CA GLY A 248 2.09 12.60 -23.15
C GLY A 248 1.16 12.38 -21.98
N GLY A 249 1.50 12.97 -20.83
CA GLY A 249 0.66 12.80 -19.65
C GLY A 249 -0.34 13.90 -19.41
N ARG A 250 -1.06 14.31 -20.45
CA ARG A 250 -2.05 15.37 -20.31
C ARG A 250 -3.20 14.90 -19.42
N LEU A 251 -3.51 13.60 -19.50
CA LEU A 251 -4.61 13.05 -18.72
C LEU A 251 -4.14 12.19 -17.55
N LEU A 252 -2.82 12.01 -17.43
CA LEU A 252 -2.26 11.17 -16.38
C LEU A 252 -2.81 11.48 -14.98
N TYR A 253 -2.38 12.60 -14.40
CA TYR A 253 -2.82 12.99 -13.08
C TYR A 253 -4.26 12.55 -12.81
N ALA A 254 -5.17 12.97 -13.68
CA ALA A 254 -6.58 12.62 -13.55
C ALA A 254 -6.78 11.11 -13.43
N LYS A 255 -6.07 10.35 -14.25
CA LYS A 255 -6.16 8.89 -14.21
C LYS A 255 -5.63 8.33 -12.90
N MET A 256 -4.68 9.04 -12.30
CA MET A 256 -4.09 8.60 -11.04
C MET A 256 -5.03 8.90 -9.88
N ILE A 257 -5.61 10.10 -9.86
CA ILE A 257 -6.53 10.44 -8.79
C ILE A 257 -7.71 9.48 -8.84
N GLN A 258 -8.01 8.99 -10.04
CA GLN A 258 -9.11 8.04 -10.20
C GLN A 258 -8.74 6.72 -9.52
N LYS A 259 -7.49 6.32 -9.66
CA LYS A 259 -7.03 5.07 -9.05
C LYS A 259 -7.22 5.08 -7.54
N LEU A 260 -7.13 6.25 -6.92
CA LEU A 260 -7.33 6.36 -5.47
C LEU A 260 -8.74 5.95 -5.10
N ALA A 261 -9.70 6.31 -5.96
CA ALA A 261 -11.10 5.98 -5.73
C ALA A 261 -11.34 4.47 -5.84
N ASP A 262 -10.61 3.82 -6.76
CA ASP A 262 -10.73 2.39 -6.95
C ASP A 262 -10.21 1.68 -5.69
N LEU A 263 -9.19 2.27 -5.09
CA LEU A 263 -8.59 1.70 -3.90
C LEU A 263 -9.55 1.68 -2.73
N ARG A 264 -10.36 2.74 -2.58
CA ARG A 264 -11.32 2.80 -1.49
C ARG A 264 -12.30 1.63 -1.55
N SER A 265 -12.71 1.28 -2.76
CA SER A 265 -13.65 0.18 -2.97
C SER A 265 -13.00 -1.14 -2.60
N LEU A 266 -11.75 -1.32 -3.06
CA LEU A 266 -10.98 -2.52 -2.78
C LEU A 266 -10.73 -2.62 -1.29
N ASN A 267 -10.41 -1.48 -0.69
CA ASN A 267 -10.14 -1.39 0.75
C ASN A 267 -11.40 -1.83 1.51
N GLU A 268 -12.54 -1.25 1.13
CA GLU A 268 -13.82 -1.55 1.76
C GLU A 268 -14.09 -3.05 1.73
N GLU A 269 -14.04 -3.62 0.54
CA GLU A 269 -14.30 -5.04 0.35
C GLU A 269 -13.32 -5.89 1.16
N HIS A 270 -12.05 -5.49 1.19
CA HIS A 270 -11.05 -6.23 1.93
C HIS A 270 -11.40 -6.26 3.42
N SER A 271 -11.78 -5.10 3.96
CA SER A 271 -12.16 -5.01 5.38
C SER A 271 -13.25 -5.99 5.73
N LYS A 272 -14.20 -6.20 4.82
CA LYS A 272 -15.29 -7.14 5.08
C LYS A 272 -14.77 -8.56 5.10
N GLN A 273 -14.12 -8.97 4.01
CA GLN A 273 -13.57 -10.31 3.92
C GLN A 273 -12.58 -10.58 5.04
N TYR A 274 -11.88 -9.55 5.50
CA TYR A 274 -10.92 -9.71 6.58
C TYR A 274 -11.64 -9.87 7.92
N ARG A 275 -12.73 -9.14 8.08
CA ARG A 275 -13.52 -9.19 9.31
C ARG A 275 -14.01 -10.62 9.54
N SER A 276 -14.62 -11.20 8.52
CA SER A 276 -15.14 -12.57 8.58
C SER A 276 -14.04 -13.52 8.98
N LEU A 277 -12.87 -13.29 8.41
CA LEU A 277 -11.69 -14.09 8.64
C LEU A 277 -11.17 -13.97 10.07
N SER A 278 -11.22 -12.76 10.62
CA SER A 278 -10.73 -12.54 11.98
C SER A 278 -11.66 -13.03 13.09
N PHE A 279 -12.92 -13.26 12.76
CA PHE A 279 -13.86 -13.73 13.78
C PHE A 279 -13.75 -15.24 13.99
N GLN A 280 -13.13 -15.92 13.04
CA GLN A 280 -12.94 -17.37 13.14
C GLN A 280 -11.54 -17.60 13.72
N PRO A 281 -11.46 -17.98 15.00
CA PRO A 281 -10.18 -18.24 15.68
C PRO A 281 -9.27 -19.29 15.07
N GLU A 282 -9.80 -20.16 14.23
CA GLU A 282 -8.97 -21.19 13.62
C GLU A 282 -8.18 -20.56 12.47
N HIS A 283 -8.68 -19.45 11.97
CA HIS A 283 -8.03 -18.72 10.89
C HIS A 283 -7.24 -17.57 11.51
N SER A 284 -7.87 -16.90 12.46
CA SER A 284 -7.26 -15.79 13.17
C SER A 284 -5.91 -16.15 13.80
N MET A 285 -5.76 -17.39 14.25
CA MET A 285 -4.52 -17.81 14.87
C MET A 285 -3.39 -17.94 13.86
N GLN A 286 -3.69 -17.77 12.58
CA GLN A 286 -2.69 -17.87 11.52
C GLN A 286 -2.09 -16.51 11.15
N LEU A 287 -2.77 -15.45 11.54
CA LEU A 287 -2.32 -14.08 11.27
C LEU A 287 -1.17 -13.72 12.21
N THR A 288 -0.57 -12.55 12.03
CA THR A 288 0.53 -12.13 12.89
C THR A 288 0.07 -10.99 13.79
N PRO A 289 0.76 -10.82 14.93
CA PRO A 289 0.41 -9.75 15.87
C PRO A 289 0.22 -8.38 15.21
N LEU A 290 1.06 -8.06 14.22
CA LEU A 290 0.96 -6.77 13.53
C LEU A 290 -0.25 -6.67 12.64
N VAL A 291 -0.54 -7.71 11.87
CA VAL A 291 -1.71 -7.74 10.99
C VAL A 291 -2.99 -7.59 11.80
N LEU A 292 -3.03 -8.25 12.95
CA LEU A 292 -4.19 -8.20 13.83
C LEU A 292 -4.38 -6.80 14.41
N GLU A 293 -3.27 -6.12 14.69
CA GLU A 293 -3.30 -4.77 15.24
C GLU A 293 -3.74 -3.75 14.19
N VAL A 294 -3.10 -3.80 13.02
CA VAL A 294 -3.39 -2.89 11.93
C VAL A 294 -4.81 -3.00 11.38
N PHE A 295 -5.29 -4.22 11.19
CA PHE A 295 -6.63 -4.43 10.64
C PHE A 295 -7.69 -4.70 11.70
N GLY A 296 -7.29 -4.61 12.97
CA GLY A 296 -8.25 -4.84 14.03
C GLY A 296 -9.08 -3.60 14.22
N SER A 297 -10.19 -3.73 14.94
CA SER A 297 -11.08 -2.60 15.18
C SER A 297 -10.91 -2.09 16.61
N GLU A 298 -10.07 -2.77 17.38
CA GLU A 298 -9.82 -2.40 18.77
C GLU A 298 -8.98 -1.14 18.87
N VAL A 299 -9.54 -0.02 18.40
CA VAL A 299 -8.85 1.26 18.41
C VAL A 299 -9.08 2.01 19.74
N ARG B 1 -4.12 -1.72 22.01
CA ARG B 1 -3.67 -0.35 22.26
C ARG B 1 -2.63 0.07 21.26
N HIS B 2 -2.45 -0.74 20.21
CA HIS B 2 -1.48 -0.42 19.17
C HIS B 2 -0.06 -0.38 19.70
N LYS B 3 0.20 -1.29 20.62
CA LYS B 3 1.48 -1.47 21.28
C LYS B 3 2.61 -1.57 20.25
N ILE B 4 2.39 -2.38 19.22
CA ILE B 4 3.39 -2.60 18.17
C ILE B 4 3.57 -1.44 17.19
N LEU B 5 2.47 -0.80 16.80
CA LEU B 5 2.54 0.32 15.88
C LEU B 5 3.31 1.49 16.48
N HIS B 6 3.10 1.75 17.77
CA HIS B 6 3.82 2.84 18.43
C HIS B 6 5.31 2.54 18.39
N ARG B 7 5.67 1.34 18.82
CA ARG B 7 7.07 0.94 18.83
C ARG B 7 7.74 1.11 17.46
N LEU B 8 7.04 0.73 16.40
CA LEU B 8 7.58 0.84 15.04
C LEU B 8 7.63 2.28 14.53
N LEU B 9 6.73 3.13 15.00
CA LEU B 9 6.70 4.52 14.58
C LEU B 9 7.67 5.42 15.33
N GLN B 10 8.38 4.87 16.32
CA GLN B 10 9.32 5.68 17.08
C GLN B 10 10.74 5.55 16.53
#